data_7G1V
#
_entry.id   7G1V
#
_cell.length_a   32.366
_cell.length_b   53.770
_cell.length_c   75.641
_cell.angle_alpha   90.000
_cell.angle_beta   90.000
_cell.angle_gamma   90.000
#
_symmetry.space_group_name_H-M   'P 21 21 21'
#
loop_
_entity.id
_entity.type
_entity.pdbx_description
1 polymer 'Fatty acid-binding protein, adipocyte'
2 non-polymer 'DIMETHYL SULFOXIDE'
3 non-polymer 'SULFATE ION'
4 non-polymer '(1R,2R,3R,4S)-3-(1,3-benzothiazol-2-yl)bicyclo[2.2.1]heptane-2-carboxylic acid'
5 non-polymer 'FORMIC ACID'
6 water water
#
_entity_poly.entity_id   1
_entity_poly.type   'polypeptide(L)'
_entity_poly.pdbx_seq_one_letter_code
;GSHMCDAFVGTWKLVSSENFDDYMKEVGVGFATRKVAGMAKPNMIISVNGDVITIKSESTFKNTEISFILGQEFDEVTAD
DRKVKSTITLDGGVLVHVQKWDGKSTTIKRKREDDKLVVECVMKGVTSTRVYERA
;
_entity_poly.pdbx_strand_id   A
#
loop_
_chem_comp.id
_chem_comp.type
_chem_comp.name
_chem_comp.formula
DMS non-polymer 'DIMETHYL SULFOXIDE' 'C2 H6 O S'
FMT non-polymer 'FORMIC ACID' 'C H2 O2'
SO4 non-polymer 'SULFATE ION' 'O4 S -2'
WQ8 non-polymer '(1R,2R,3R,4S)-3-(1,3-benzothiazol-2-yl)bicyclo[2.2.1]heptane-2-carboxylic acid' 'C15 H15 N O2 S'
#
# COMPACT_ATOMS: atom_id res chain seq x y z
N HIS A 3 18.74 -9.84 -0.98
CA HIS A 3 18.74 -8.66 -1.87
C HIS A 3 17.43 -8.52 -2.67
N MET A 4 16.42 -9.34 -2.25
CA MET A 4 15.12 -9.50 -2.96
C MET A 4 14.35 -8.21 -3.29
N CYS A 5 14.29 -7.36 -2.32
CA CYS A 5 13.64 -6.10 -2.49
C CYS A 5 14.52 -4.92 -2.30
N ASP A 6 15.76 -5.04 -2.58
CA ASP A 6 16.69 -3.93 -2.29
C ASP A 6 16.26 -2.63 -2.79
N ALA A 7 15.74 -2.62 -3.99
CA ALA A 7 15.41 -1.33 -4.63
C ALA A 7 14.17 -0.65 -4.04
N PHE A 8 13.37 -1.38 -3.21
CA PHE A 8 12.27 -0.80 -2.48
C PHE A 8 12.67 -0.20 -1.14
N VAL A 9 13.76 -0.71 -0.59
CA VAL A 9 14.08 -0.28 0.80
CA VAL A 9 14.06 -0.30 0.81
C VAL A 9 14.45 1.20 0.90
N GLY A 10 13.92 1.84 1.94
CA GLY A 10 14.17 3.22 2.16
C GLY A 10 13.00 3.93 2.77
N THR A 11 13.11 5.23 2.77
CA THR A 11 12.10 6.15 3.30
C THR A 11 11.58 6.97 2.12
N TRP A 12 10.30 6.95 1.89
CA TRP A 12 9.63 7.47 0.72
C TRP A 12 8.54 8.43 1.15
N LYS A 13 8.30 9.48 0.36
CA LYS A 13 7.27 10.48 0.67
C LYS A 13 6.33 10.56 -0.52
N LEU A 14 5.02 10.62 -0.24
CA LEU A 14 4.02 10.76 -1.30
C LEU A 14 4.16 12.13 -1.95
N VAL A 15 4.26 12.17 -3.28
CA VAL A 15 4.35 13.42 -4.02
C VAL A 15 3.18 13.64 -4.94
N SER A 16 2.47 12.63 -5.38
CA SER A 16 1.30 12.88 -6.22
C SER A 16 0.33 11.73 -6.03
N SER A 17 -0.92 12.03 -6.36
CA SER A 17 -2.00 11.04 -6.31
C SER A 17 -2.99 11.33 -7.44
N GLU A 18 -3.56 10.29 -8.00
CA GLU A 18 -4.63 10.43 -8.94
C GLU A 18 -5.70 9.41 -8.63
N ASN A 19 -6.96 9.86 -8.65
CA ASN A 19 -8.15 9.00 -8.55
CA ASN A 19 -8.14 9.07 -8.53
C ASN A 19 -8.29 8.31 -7.20
N PHE A 20 -7.59 8.77 -6.16
CA PHE A 20 -7.65 8.07 -4.87
C PHE A 20 -9.02 8.18 -4.26
N ASP A 21 -9.73 9.33 -4.37
CA ASP A 21 -11.09 9.43 -3.83
C ASP A 21 -12.00 8.37 -4.44
N ASP A 22 -11.93 8.23 -5.75
CA ASP A 22 -12.78 7.24 -6.42
C ASP A 22 -12.40 5.79 -6.04
N TYR A 23 -11.12 5.54 -5.88
CA TYR A 23 -10.69 4.23 -5.39
C TYR A 23 -11.28 3.98 -3.99
N MET A 24 -11.15 4.93 -3.08
CA MET A 24 -11.73 4.79 -1.75
C MET A 24 -13.23 4.59 -1.81
N LYS A 25 -13.96 5.32 -2.66
CA LYS A 25 -15.39 5.08 -2.79
C LYS A 25 -15.66 3.67 -3.17
N GLU A 26 -14.90 3.13 -4.13
CA GLU A 26 -15.12 1.79 -4.63
C GLU A 26 -14.85 0.73 -3.54
N VAL A 27 -13.86 1.00 -2.70
CA VAL A 27 -13.54 0.15 -1.57
C VAL A 27 -14.64 0.15 -0.52
N GLY A 28 -15.41 1.23 -0.43
CA GLY A 28 -16.48 1.36 0.53
C GLY A 28 -16.23 2.36 1.63
N VAL A 29 -15.25 3.21 1.51
CA VAL A 29 -14.89 4.16 2.52
C VAL A 29 -15.93 5.30 2.56
N GLY A 30 -16.34 5.66 3.75
CA GLY A 30 -17.32 6.73 3.94
C GLY A 30 -16.75 8.13 3.80
N PHE A 31 -17.68 9.08 3.71
CA PHE A 31 -17.33 10.45 3.36
C PHE A 31 -16.25 11.02 4.25
N ALA A 32 -16.42 10.97 5.55
CA ALA A 32 -15.47 11.71 6.43
C ALA A 32 -14.05 11.14 6.35
N THR A 33 -13.95 9.80 6.34
CA THR A 33 -12.67 9.15 6.18
C THR A 33 -12.11 9.50 4.81
N ARG A 34 -12.86 9.48 3.74
CA ARG A 34 -12.31 9.83 2.45
C ARG A 34 -11.72 11.24 2.45
N LYS A 35 -12.44 12.21 3.00
CA LYS A 35 -11.97 13.57 2.95
C LYS A 35 -10.71 13.77 3.74
N VAL A 36 -10.66 13.24 4.94
CA VAL A 36 -9.49 13.41 5.81
C VAL A 36 -8.32 12.56 5.32
N ALA A 37 -8.58 11.30 5.00
CA ALA A 37 -7.50 10.43 4.52
C ALA A 37 -6.93 10.93 3.19
N GLY A 38 -7.81 11.52 2.35
CA GLY A 38 -7.33 12.00 1.08
C GLY A 38 -6.36 13.16 1.17
N MET A 39 -6.36 13.93 2.27
CA MET A 39 -5.35 15.02 2.50
C MET A 39 -3.98 14.51 2.83
N ALA A 40 -3.86 13.29 3.35
CA ALA A 40 -2.60 12.84 3.93
C ALA A 40 -1.51 12.74 2.90
N LYS A 41 -0.31 13.03 3.35
CA LYS A 41 0.93 12.90 2.57
C LYS A 41 1.84 11.93 3.32
N PRO A 42 1.56 10.63 3.26
CA PRO A 42 2.33 9.68 4.07
C PRO A 42 3.79 9.53 3.68
N ASN A 43 4.55 9.20 4.72
CA ASN A 43 5.90 8.64 4.54
CA ASN A 43 5.93 8.68 4.59
C ASN A 43 5.83 7.16 4.71
N MET A 44 6.29 6.44 3.68
CA MET A 44 6.33 4.98 3.65
C MET A 44 7.77 4.54 3.85
N ILE A 45 7.98 3.70 4.87
CA ILE A 45 9.32 3.24 5.24
CA ILE A 45 9.31 3.24 5.25
C ILE A 45 9.36 1.74 5.02
N ILE A 46 10.21 1.29 4.12
CA ILE A 46 10.29 -0.11 3.72
C ILE A 46 11.64 -0.62 4.16
N SER A 47 11.66 -1.77 4.85
CA SER A 47 12.90 -2.40 5.29
C SER A 47 12.78 -3.90 5.17
N VAL A 48 13.92 -4.56 5.13
CA VAL A 48 14.01 -6.00 5.02
C VAL A 48 14.98 -6.50 6.05
N ASN A 49 14.62 -7.56 6.76
CA ASN A 49 15.53 -8.25 7.72
C ASN A 49 15.33 -9.73 7.49
N GLY A 50 16.28 -10.36 6.86
CA GLY A 50 16.09 -11.78 6.46
C GLY A 50 14.96 -11.92 5.46
N ASP A 51 14.04 -12.82 5.76
CA ASP A 51 12.89 -13.00 4.93
C ASP A 51 11.73 -12.08 5.29
N VAL A 52 11.87 -11.26 6.30
CA VAL A 52 10.76 -10.46 6.77
C VAL A 52 10.85 -9.07 6.16
N ILE A 53 9.81 -8.64 5.46
CA ILE A 53 9.68 -7.30 4.91
C ILE A 53 8.75 -6.51 5.84
N THR A 54 9.13 -5.28 6.14
CA THR A 54 8.28 -4.39 6.93
C THR A 54 7.98 -3.15 6.10
N ILE A 55 6.69 -2.78 6.03
CA ILE A 55 6.23 -1.54 5.42
C ILE A 55 5.50 -0.76 6.47
N LYS A 56 6.05 0.40 6.86
CA LYS A 56 5.42 1.34 7.75
C LYS A 56 4.91 2.51 6.96
N SER A 57 3.75 3.02 7.35
CA SER A 57 3.24 4.26 6.76
C SER A 57 2.89 5.18 7.89
N GLU A 58 3.53 6.35 7.87
CA GLU A 58 3.34 7.39 8.92
C GLU A 58 2.70 8.62 8.28
N SER A 59 1.61 9.08 8.86
CA SER A 59 0.95 10.30 8.38
C SER A 59 0.20 10.95 9.48
N THR A 60 -0.35 12.12 9.16
CA THR A 60 -1.20 12.82 10.11
C THR A 60 -2.46 12.03 10.39
N PHE A 61 -2.93 11.20 9.45
CA PHE A 61 -4.18 10.48 9.62
C PHE A 61 -4.02 9.23 10.45
N LYS A 62 -3.03 8.42 10.09
CA LYS A 62 -2.78 7.17 10.81
CA LYS A 62 -2.78 7.16 10.83
C LYS A 62 -1.31 6.75 10.66
N ASN A 63 -0.85 6.01 11.60
CA ASN A 63 0.43 5.31 11.48
C ASN A 63 0.13 3.82 11.47
N THR A 64 0.57 3.12 10.43
CA THR A 64 0.38 1.67 10.28
C THR A 64 1.70 1.01 10.08
N GLU A 65 1.71 -0.29 10.32
CA GLU A 65 2.88 -1.10 10.07
C GLU A 65 2.43 -2.52 9.72
N ILE A 66 3.01 -3.10 8.67
CA ILE A 66 2.84 -4.48 8.36
C ILE A 66 4.22 -5.12 8.22
N SER A 67 4.35 -6.36 8.73
CA SER A 67 5.52 -7.20 8.52
C SER A 67 5.04 -8.52 7.98
N PHE A 68 5.79 -9.08 7.03
CA PHE A 68 5.30 -10.26 6.31
C PHE A 68 6.45 -10.97 5.61
N ILE A 69 6.16 -12.21 5.25
CA ILE A 69 6.98 -13.04 4.38
C ILE A 69 6.26 -13.23 3.08
N LEU A 70 6.96 -13.10 1.97
CA LEU A 70 6.36 -13.22 0.68
C LEU A 70 5.61 -14.53 0.52
N GLY A 71 4.41 -14.46 0.03
CA GLY A 71 3.57 -15.62 -0.21
C GLY A 71 2.79 -16.17 0.97
N GLN A 72 2.95 -15.57 2.14
CA GLN A 72 2.42 -16.09 3.39
C GLN A 72 1.36 -15.12 3.96
N GLU A 73 0.12 -15.56 3.93
CA GLU A 73 -1.02 -14.71 4.31
CA GLU A 73 -1.02 -14.72 4.30
C GLU A 73 -0.92 -14.23 5.76
N PHE A 74 -1.41 -13.02 6.00
CA PHE A 74 -1.39 -12.38 7.30
C PHE A 74 -2.59 -11.51 7.51
N ASP A 75 -2.88 -11.21 8.77
CA ASP A 75 -4.02 -10.37 9.04
CA ASP A 75 -3.88 -10.20 9.19
C ASP A 75 -3.40 -8.84 9.11
N GLU A 76 -4.23 -7.93 8.54
CA GLU A 76 -3.87 -6.49 8.44
C GLU A 76 -5.13 -5.70 8.89
N VAL A 77 -4.95 -4.66 9.67
CA VAL A 77 -5.99 -3.66 9.89
C VAL A 77 -5.56 -2.44 9.10
N THR A 78 -6.33 -2.08 8.09
CA THR A 78 -5.92 -0.99 7.17
C THR A 78 -6.15 0.36 7.82
N ALA A 79 -5.65 1.39 7.17
CA ALA A 79 -5.76 2.73 7.70
C ALA A 79 -7.22 3.18 7.83
N ASP A 80 -8.08 2.69 6.93
CA ASP A 80 -9.49 2.97 6.93
C ASP A 80 -10.26 1.94 7.77
N ASP A 81 -9.59 1.13 8.57
CA ASP A 81 -10.21 0.27 9.59
CA ASP A 81 -10.14 0.24 9.60
C ASP A 81 -10.89 -0.95 9.01
N ARG A 82 -10.47 -1.42 7.86
CA ARG A 82 -10.90 -2.73 7.38
C ARG A 82 -10.00 -3.80 8.03
N LYS A 83 -10.59 -4.94 8.36
CA LYS A 83 -9.86 -6.10 8.88
CA LYS A 83 -9.86 -6.13 8.89
C LYS A 83 -9.77 -7.09 7.70
N VAL A 84 -8.58 -7.16 7.13
CA VAL A 84 -8.40 -7.87 5.88
C VAL A 84 -7.38 -9.03 6.06
N LYS A 85 -7.44 -9.96 5.13
CA LYS A 85 -6.44 -11.01 4.99
CA LYS A 85 -6.46 -11.03 4.96
C LYS A 85 -5.59 -10.65 3.77
N SER A 86 -4.31 -10.49 3.98
CA SER A 86 -3.39 -9.98 2.99
C SER A 86 -2.37 -11.04 2.60
N THR A 87 -2.01 -11.03 1.32
CA THR A 87 -0.90 -11.85 0.83
C THR A 87 -0.12 -10.99 -0.14
N ILE A 88 1.21 -10.92 0.07
CA ILE A 88 2.09 -10.10 -0.73
C ILE A 88 3.11 -11.03 -1.40
N THR A 89 3.27 -10.89 -2.70
CA THR A 89 4.21 -11.68 -3.48
C THR A 89 5.06 -10.71 -4.34
N LEU A 90 6.14 -11.23 -4.88
CA LEU A 90 6.95 -10.54 -5.85
CA LEU A 90 6.92 -10.54 -5.93
C LEU A 90 6.70 -11.21 -7.21
N ASP A 91 6.29 -10.42 -8.20
CA ASP A 91 6.01 -10.91 -9.53
C ASP A 91 6.74 -10.08 -10.52
N GLY A 92 7.78 -10.65 -11.08
CA GLY A 92 8.58 -9.85 -12.00
C GLY A 92 9.04 -8.49 -11.48
N GLY A 93 9.52 -8.55 -10.27
CA GLY A 93 10.06 -7.31 -9.65
C GLY A 93 9.04 -6.31 -9.08
N VAL A 94 7.75 -6.63 -9.15
CA VAL A 94 6.65 -5.83 -8.62
C VAL A 94 6.15 -6.50 -7.36
N LEU A 95 6.00 -5.73 -6.28
CA LEU A 95 5.36 -6.25 -5.08
C LEU A 95 3.84 -6.20 -5.31
N VAL A 96 3.18 -7.32 -5.22
CA VAL A 96 1.73 -7.44 -5.45
C VAL A 96 1.05 -7.82 -4.17
N HIS A 97 0.20 -6.94 -3.66
CA HIS A 97 -0.47 -7.05 -2.35
C HIS A 97 -1.94 -7.19 -2.57
N VAL A 98 -2.50 -8.36 -2.23
CA VAL A 98 -3.92 -8.60 -2.35
C VAL A 98 -4.52 -8.60 -0.97
N GLN A 99 -5.62 -7.86 -0.80
CA GLN A 99 -6.39 -7.79 0.44
C GLN A 99 -7.77 -8.35 0.19
N LYS A 100 -8.20 -9.27 1.07
CA LYS A 100 -9.50 -9.90 1.02
C LYS A 100 -10.28 -9.58 2.31
N TRP A 101 -11.56 -9.19 2.16
CA TRP A 101 -12.42 -8.93 3.30
C TRP A 101 -13.86 -8.90 2.85
N ASP A 102 -14.76 -9.44 3.63
CA ASP A 102 -16.20 -9.33 3.35
C ASP A 102 -16.57 -9.75 1.92
N GLY A 103 -15.91 -10.78 1.37
CA GLY A 103 -16.12 -11.21 0.01
C GLY A 103 -15.59 -10.34 -1.11
N LYS A 104 -14.87 -9.28 -0.74
CA LYS A 104 -14.30 -8.30 -1.63
C LYS A 104 -12.79 -8.52 -1.73
N SER A 105 -12.19 -7.86 -2.75
CA SER A 105 -10.75 -7.97 -2.96
C SER A 105 -10.25 -6.68 -3.60
N THR A 106 -9.07 -6.26 -3.20
CA THR A 106 -8.38 -5.15 -3.82
C THR A 106 -6.91 -5.52 -3.95
N THR A 107 -6.24 -4.99 -4.99
CA THR A 107 -4.85 -5.28 -5.24
C THR A 107 -4.04 -3.99 -5.32
N ILE A 108 -2.94 -3.96 -4.62
CA ILE A 108 -2.01 -2.81 -4.53
CA ILE A 108 -2.02 -2.83 -4.58
C ILE A 108 -0.69 -3.31 -5.11
N LYS A 109 -0.21 -2.69 -6.18
CA LYS A 109 1.09 -3.03 -6.78
C LYS A 109 2.07 -1.91 -6.52
N ARG A 110 3.27 -2.26 -6.10
CA ARG A 110 4.33 -1.30 -5.86
C ARG A 110 5.49 -1.65 -6.78
N LYS A 111 5.98 -0.66 -7.53
CA LYS A 111 7.11 -0.87 -8.45
CA LYS A 111 7.10 -0.90 -8.45
C LYS A 111 8.03 0.32 -8.44
N ARG A 112 9.28 0.02 -8.70
CA ARG A 112 10.30 1.05 -8.91
CA ARG A 112 10.29 1.04 -8.84
C ARG A 112 10.31 1.48 -10.33
N GLU A 113 10.21 2.80 -10.53
CA GLU A 113 10.24 3.38 -11.89
C GLU A 113 11.10 4.64 -11.84
N ASP A 114 12.27 4.60 -12.48
CA ASP A 114 13.24 5.68 -12.34
C ASP A 114 13.54 5.86 -10.86
N ASP A 115 13.58 7.06 -10.31
CA ASP A 115 13.87 7.25 -8.92
C ASP A 115 12.61 7.25 -8.05
N LYS A 116 11.49 6.84 -8.60
CA LYS A 116 10.24 6.84 -7.88
C LYS A 116 9.81 5.42 -7.49
N LEU A 117 8.89 5.40 -6.53
CA LEU A 117 8.15 4.21 -6.22
C LEU A 117 6.71 4.51 -6.57
N VAL A 118 6.16 3.76 -7.52
CA VAL A 118 4.85 3.99 -8.06
C VAL A 118 3.90 2.90 -7.53
N VAL A 119 2.78 3.33 -7.00
CA VAL A 119 1.83 2.43 -6.36
C VAL A 119 0.50 2.52 -7.12
N GLU A 120 0.04 1.37 -7.63
CA GLU A 120 -1.24 1.26 -8.31
CA GLU A 120 -1.25 1.30 -8.36
C GLU A 120 -2.25 0.45 -7.48
N CYS A 121 -3.35 1.09 -7.12
CA CYS A 121 -4.34 0.49 -6.26
C CYS A 121 -5.59 0.26 -7.12
N VAL A 122 -6.09 -0.98 -7.16
CA VAL A 122 -7.18 -1.34 -8.05
C VAL A 122 -8.31 -1.96 -7.25
N MET A 123 -9.51 -1.49 -7.44
CA MET A 123 -10.71 -2.06 -6.85
CA MET A 123 -10.72 -2.08 -6.88
C MET A 123 -11.72 -2.10 -8.02
N LYS A 124 -12.09 -3.33 -8.42
CA LYS A 124 -12.90 -3.55 -9.59
C LYS A 124 -12.33 -2.77 -10.79
N GLY A 125 -13.11 -1.93 -11.42
CA GLY A 125 -12.66 -1.18 -12.56
C GLY A 125 -11.93 0.12 -12.25
N VAL A 126 -11.71 0.43 -10.98
CA VAL A 126 -11.16 1.75 -10.57
C VAL A 126 -9.71 1.62 -10.11
N THR A 127 -8.84 2.38 -10.74
CA THR A 127 -7.44 2.46 -10.39
C THR A 127 -7.06 3.83 -9.83
N SER A 128 -6.23 3.82 -8.82
CA SER A 128 -5.56 5.02 -8.33
C SER A 128 -4.07 4.82 -8.41
N THR A 129 -3.36 5.87 -8.79
CA THR A 129 -1.93 5.88 -8.88
C THR A 129 -1.34 6.84 -7.87
N ARG A 130 -0.43 6.39 -7.03
CA ARG A 130 0.19 7.14 -5.95
C ARG A 130 1.69 7.11 -6.19
N VAL A 131 2.35 8.25 -6.31
CA VAL A 131 3.74 8.30 -6.63
C VAL A 131 4.53 8.80 -5.44
N TYR A 132 5.57 8.07 -5.08
CA TYR A 132 6.48 8.40 -3.99
C TYR A 132 7.88 8.70 -4.50
N GLU A 133 8.56 9.67 -3.85
CA GLU A 133 9.95 10.02 -4.05
CA GLU A 133 9.98 9.78 -4.09
C GLU A 133 10.72 9.68 -2.80
N ARG A 134 12.03 9.54 -2.90
CA ARG A 134 12.84 9.37 -1.70
C ARG A 134 12.73 10.56 -0.77
N ALA A 135 12.60 10.32 0.52
CA ALA A 135 12.38 11.37 1.50
C ALA A 135 13.62 12.05 1.88
S DMS B . -1.81 1.92 -0.58
O DMS B . -0.65 2.65 -1.08
C1 DMS B . -1.61 1.77 1.11
C2 DMS B . -3.12 3.07 -0.56
S SO4 C . 18.41 4.19 -6.34
O1 SO4 C . 19.77 4.05 -6.72
O2 SO4 C . 18.59 5.03 -5.13
O3 SO4 C . 17.61 4.81 -7.47
O4 SO4 C . 17.84 2.88 -5.90
C01 WQ8 D . -4.00 5.51 3.89
C02 WQ8 D . -4.31 6.61 4.90
C04 WQ8 D . -5.24 4.83 3.31
C05 WQ8 D . -4.37 7.93 4.04
C06 WQ8 D . -3.02 6.83 5.70
C07 WQ8 D . -2.99 7.62 3.42
N09 WQ8 D . -5.17 3.73 2.60
C11 WQ8 D . -2.10 7.48 4.64
O12 WQ8 D . -1.37 4.70 2.93
C15 WQ8 D . -7.43 4.20 2.56
C16 WQ8 D . -6.65 2.21 1.36
C17 WQ8 D . -8.73 3.90 2.20
C19 WQ8 D . -7.97 1.96 1.00
C20 WQ8 D . -9.00 2.80 1.42
C03 WQ8 D . -3.20 6.24 2.82
C08 WQ8 D . -1.95 5.61 2.27
O13 WQ8 D . -1.44 6.11 1.20
C14 WQ8 D . -6.40 3.34 2.16
S18 WQ8 D . -6.82 5.48 3.47
H21 WQ8 D . -3.37 4.76 4.34
H22 WQ8 D . -5.19 6.43 5.50
H24 WQ8 D . -4.38 8.83 4.63
H25 WQ8 D . -5.17 7.91 3.29
H26 WQ8 D . -2.60 5.92 6.10
H27 WQ8 D . -3.20 7.52 6.52
H28 WQ8 D . -2.66 8.36 2.70
H30 WQ8 D . -1.26 6.84 4.42
H31 WQ8 D . -1.76 8.45 4.98
H33 WQ8 D . -5.86 1.57 1.05
H34 WQ8 D . -9.51 4.56 2.50
H36 WQ8 D . -8.21 1.11 0.42
H37 WQ8 D . -10.00 2.58 1.13
H23 WQ8 D . -3.84 6.36 1.97
C FMT E . -8.87 -7.30 -7.26
O1 FMT E . -8.56 -6.02 -7.58
O2 FMT E . -8.06 -7.75 -6.10
S SO4 F . -6.81 12.21 -5.36
O1 SO4 F . -6.08 12.71 -4.16
O2 SO4 F . -6.00 11.20 -5.85
O3 SO4 F . -6.92 13.32 -6.33
O4 SO4 F . -8.23 11.78 -5.05
#